data_9EJO
#
_entry.id   9EJO
#
_cell.length_a   78.632
_cell.length_b   132.382
_cell.length_c   119.604
_cell.angle_alpha   90.00
_cell.angle_beta   90.00
_cell.angle_gamma   90.00
#
_symmetry.space_group_name_H-M   'C 2 2 21'
#
loop_
_entity.id
_entity.type
_entity.pdbx_description
1 polymer 'WD repeat-containing protein 91'
2 non-polymer 6-(4-chlorophenyl)-1-methyl-5-[(3S)-1-methyl-2-oxo-2,3-dihydro-1H-indol-3-yl]-1H-pyrrolo[2,3-d]pyrimidine-2,4(3H,7H)-dione
3 non-polymer 'UNKNOWN ATOM OR ION'
4 water water
#
_entity_poly.entity_id   1
_entity_poly.type   'polypeptide(L)'
_entity_poly.pdbx_seq_one_letter_code
;MHHHHHHSSGRENLYFQGPEQPFIVLGQEEYGEHHSSIMHCRVDCSGRRVASLDVDGVIKVWSFNPIMQTKASSISKSPL
LSLEWATKRDRLLLLGSGVGTVRLYDTEAKKNLCEININDNMPRILSLACSPNGASFVCSAAAPSLTSQVDFSAPDIGSK
GMNQVPGRLLLWDTKTMKQQLQFSLDPEPIAINCTAFNHNGNLLVTGAADGVIRLFDMQQHECAMSWRAHYGEVYSVEFS
YDENTVYSIGEDGKFIQWNIHKSGLKVSEYSLPSDATGPFVLSGYSGYKQVQVPRGRLFAFDSEGNYMLTCSATGGVIYK
LGGDEKVLESCLSLGGHRAPVVTVDWSTAMDCGTCLTASMDGKIKLTTLLAHKA
;
_entity_poly.pdbx_strand_id   A
#
loop_
_chem_comp.id
_chem_comp.type
_chem_comp.name
_chem_comp.formula
A1BIV non-polymer 6-(4-chlorophenyl)-1-methyl-5-[(3S)-1-methyl-2-oxo-2,3-dihydro-1H-indol-3-yl]-1H-pyrrolo[2,3-d]pyrimidine-2,4(3H,7H)-dione 'C22 H17 Cl N4 O3'
UNX non-polymer 'UNKNOWN ATOM OR ION' ?
#
# COMPACT_ATOMS: atom_id res chain seq x y z
N GLN A 21 -22.87 -1.12 15.33
CA GLN A 21 -22.94 -0.15 14.21
C GLN A 21 -22.12 1.10 14.54
N PRO A 22 -20.77 1.03 14.51
CA PRO A 22 -19.93 2.23 14.40
C PRO A 22 -19.98 2.95 13.05
N PHE A 23 -20.52 2.31 12.01
CA PHE A 23 -20.70 2.94 10.70
C PHE A 23 -22.08 2.58 10.15
N ILE A 24 -22.68 3.51 9.38
CA ILE A 24 -23.79 3.18 8.52
C ILE A 24 -23.26 3.11 7.08
N VAL A 25 -23.55 2.00 6.41
CA VAL A 25 -23.22 1.81 5.00
C VAL A 25 -24.25 2.57 4.17
N LEU A 26 -23.80 3.59 3.42
CA LEU A 26 -24.67 4.41 2.58
C LEU A 26 -24.78 3.80 1.18
N GLY A 27 -23.84 2.94 0.80
CA GLY A 27 -23.95 2.25 -0.48
C GLY A 27 -22.71 1.42 -0.81
N GLN A 28 -22.85 0.55 -1.82
CA GLN A 28 -21.75 -0.19 -2.40
C GLN A 28 -21.83 -0.17 -3.93
N GLU A 29 -20.78 0.32 -4.59
CA GLU A 29 -20.70 0.35 -6.04
C GLU A 29 -19.53 -0.50 -6.55
N GLU A 30 -19.64 -0.89 -7.82
CA GLU A 30 -18.64 -1.71 -8.48
C GLU A 30 -17.99 -0.91 -9.61
N TYR A 31 -16.66 -0.79 -9.55
CA TYR A 31 -15.90 -0.37 -10.72
C TYR A 31 -15.29 -1.59 -11.39
N GLY A 32 -15.71 -1.84 -12.64
CA GLY A 32 -15.39 -3.09 -13.30
C GLY A 32 -14.67 -2.90 -14.63
N GLU A 33 -13.93 -1.79 -14.79
CA GLU A 33 -13.29 -1.48 -16.06
C GLU A 33 -12.00 -2.28 -16.26
N HIS A 34 -11.41 -2.80 -15.16
CA HIS A 34 -10.24 -3.66 -15.27
C HIS A 34 -10.69 -5.09 -15.58
N HIS A 35 -9.91 -5.80 -16.42
CA HIS A 35 -10.25 -7.15 -16.84
C HIS A 35 -9.29 -8.17 -16.23
N SER A 36 -8.32 -7.68 -15.44
CA SER A 36 -7.29 -8.51 -14.84
C SER A 36 -7.14 -8.17 -13.37
N SER A 37 -6.54 -9.11 -12.62
CA SER A 37 -6.41 -9.00 -11.18
C SER A 37 -5.77 -7.67 -10.81
N ILE A 38 -6.26 -7.05 -9.71
CA ILE A 38 -5.85 -5.70 -9.33
C ILE A 38 -4.55 -5.76 -8.53
N MET A 39 -3.62 -4.85 -8.81
CA MET A 39 -2.36 -4.80 -8.08
C MET A 39 -2.43 -3.73 -6.98
N HIS A 40 -2.84 -2.51 -7.34
CA HIS A 40 -2.95 -1.38 -6.43
C HIS A 40 -4.20 -0.57 -6.75
N CYS A 41 -4.89 -0.06 -5.71
CA CYS A 41 -5.87 1.00 -5.87
C CYS A 41 -5.75 1.95 -4.69
N ARG A 42 -5.50 3.22 -4.99
CA ARG A 42 -5.26 4.23 -3.99
C ARG A 42 -6.10 5.46 -4.33
N VAL A 43 -6.66 6.08 -3.29
CA VAL A 43 -7.35 7.34 -3.43
C VAL A 43 -6.31 8.45 -3.33
N ASP A 44 -6.52 9.50 -4.13
CA ASP A 44 -5.65 10.66 -4.15
C ASP A 44 -5.79 11.42 -2.82
N CYS A 45 -5.02 12.51 -2.68
CA CYS A 45 -4.93 13.19 -1.40
C CYS A 45 -6.12 14.12 -1.21
N SER A 46 -6.88 14.41 -2.29
CA SER A 46 -8.09 15.19 -2.16
C SER A 46 -9.28 14.27 -1.81
N GLY A 47 -9.09 12.95 -1.92
CA GLY A 47 -10.12 11.99 -1.60
C GLY A 47 -11.22 11.90 -2.67
N ARG A 48 -10.97 12.43 -3.88
CA ARG A 48 -12.00 12.51 -4.92
C ARG A 48 -11.67 11.63 -6.13
N ARG A 49 -10.47 11.03 -6.18
CA ARG A 49 -10.01 10.27 -7.35
C ARG A 49 -9.37 8.95 -6.92
N VAL A 50 -9.45 7.96 -7.81
CA VAL A 50 -8.76 6.69 -7.65
C VAL A 50 -7.80 6.47 -8.81
N ALA A 51 -6.60 6.00 -8.48
CA ALA A 51 -5.70 5.38 -9.43
C ALA A 51 -5.61 3.89 -9.14
N SER A 52 -5.84 3.06 -10.16
CA SER A 52 -5.85 1.63 -10.01
C SER A 52 -5.01 0.96 -11.11
N LEU A 53 -4.29 -0.10 -10.73
CA LEU A 53 -3.38 -0.77 -11.64
C LEU A 53 -3.60 -2.27 -11.51
N ASP A 54 -3.65 -2.96 -12.64
CA ASP A 54 -3.84 -4.41 -12.68
C ASP A 54 -2.57 -5.06 -13.21
N VAL A 55 -2.57 -6.40 -13.25
CA VAL A 55 -1.36 -7.17 -13.49
C VAL A 55 -1.01 -7.18 -14.98
N ASP A 56 -1.91 -6.70 -15.85
CA ASP A 56 -1.64 -6.50 -17.27
C ASP A 56 -1.07 -5.11 -17.53
N GLY A 57 -0.81 -4.32 -16.51
CA GLY A 57 -0.22 -3.00 -16.68
C GLY A 57 -1.24 -1.93 -17.11
N VAL A 58 -2.55 -2.20 -16.97
CA VAL A 58 -3.55 -1.19 -17.23
C VAL A 58 -3.65 -0.27 -16.00
N ILE A 59 -3.34 1.02 -16.20
CA ILE A 59 -3.54 2.07 -15.19
C ILE A 59 -4.84 2.80 -15.55
N LYS A 60 -5.72 2.94 -14.56
CA LYS A 60 -6.96 3.70 -14.72
C LYS A 60 -7.02 4.78 -13.64
N VAL A 61 -7.51 5.96 -14.02
CA VAL A 61 -7.81 7.03 -13.09
C VAL A 61 -9.30 7.32 -13.20
N TRP A 62 -9.99 7.41 -12.06
CA TRP A 62 -11.44 7.55 -12.08
C TRP A 62 -11.96 8.27 -10.85
N SER A 63 -13.11 8.93 -11.02
CA SER A 63 -13.85 9.53 -9.92
C SER A 63 -15.07 8.64 -9.61
N PHE A 64 -15.69 8.88 -8.45
CA PHE A 64 -16.76 8.00 -8.00
C PHE A 64 -17.85 8.77 -7.27
N ASN A 65 -17.74 10.11 -7.22
CA ASN A 65 -18.71 10.92 -6.51
C ASN A 65 -19.16 12.05 -7.43
N PRO A 66 -20.43 12.07 -7.91
CA PRO A 66 -21.50 11.19 -7.41
C PRO A 66 -21.69 9.84 -8.12
N ILE A 67 -21.02 9.66 -9.26
CA ILE A 67 -20.99 8.38 -9.95
C ILE A 67 -19.56 8.12 -10.42
N MET A 68 -19.36 6.89 -10.89
CA MET A 68 -18.09 6.46 -11.41
C MET A 68 -17.95 6.96 -12.85
N GLN A 69 -16.83 7.63 -13.12
CA GLN A 69 -16.42 7.83 -14.50
C GLN A 69 -14.89 7.83 -14.58
N THR A 70 -14.39 7.36 -15.72
CA THR A 70 -12.97 7.15 -15.94
C THR A 70 -12.39 8.43 -16.52
N LYS A 71 -11.35 8.98 -15.88
CA LYS A 71 -10.70 10.19 -16.37
C LYS A 71 -9.65 9.81 -17.42
N ALA A 72 -9.00 8.64 -17.24
CA ALA A 72 -7.85 8.28 -18.05
C ALA A 72 -7.61 6.77 -18.02
N SER A 73 -7.08 6.26 -19.12
CA SER A 73 -6.82 4.84 -19.28
C SER A 73 -5.61 4.68 -20.19
N SER A 74 -4.61 3.93 -19.70
CA SER A 74 -3.40 3.67 -20.46
C SER A 74 -2.92 2.25 -20.16
N ILE A 75 -2.38 1.59 -21.17
CA ILE A 75 -1.70 0.33 -20.97
C ILE A 75 -0.19 0.61 -21.00
N SER A 76 0.50 0.20 -19.95
CA SER A 76 1.94 0.39 -19.88
C SER A 76 2.64 -0.68 -20.71
N LYS A 77 3.60 -0.27 -21.54
CA LYS A 77 4.45 -1.22 -22.26
C LYS A 77 5.36 -1.89 -21.23
N SER A 78 5.92 -1.06 -20.34
CA SER A 78 6.73 -1.52 -19.22
C SER A 78 5.85 -2.11 -18.13
N PRO A 79 6.24 -3.25 -17.51
CA PRO A 79 5.58 -3.73 -16.30
C PRO A 79 5.65 -2.68 -15.20
N LEU A 80 4.54 -2.51 -14.47
CA LEU A 80 4.42 -1.53 -13.40
C LEU A 80 4.16 -2.24 -12.09
N LEU A 81 4.85 -1.80 -11.03
CA LEU A 81 4.86 -2.50 -9.75
C LEU A 81 4.32 -1.64 -8.63
N SER A 82 4.34 -0.32 -8.78
CA SER A 82 3.98 0.54 -7.66
C SER A 82 3.43 1.86 -8.16
N LEU A 83 2.80 2.59 -7.27
CA LEU A 83 1.99 3.74 -7.62
C LEU A 83 1.79 4.54 -6.35
N GLU A 84 1.88 5.88 -6.45
CA GLU A 84 1.76 6.75 -5.30
C GLU A 84 1.32 8.13 -5.76
N TRP A 85 0.28 8.66 -5.11
CA TRP A 85 -0.21 10.00 -5.38
C TRP A 85 0.68 11.05 -4.72
N ALA A 86 0.86 12.18 -5.41
CA ALA A 86 1.54 13.33 -4.83
C ALA A 86 0.65 13.99 -3.79
N THR A 87 1.27 14.70 -2.83
CA THR A 87 0.57 15.19 -1.66
C THR A 87 0.11 16.64 -1.85
N LYS A 88 0.85 17.46 -2.62
CA LYS A 88 0.49 18.87 -2.74
C LYS A 88 0.01 19.20 -4.14
N ARG A 89 0.61 18.60 -5.17
CA ARG A 89 0.08 18.72 -6.51
C ARG A 89 -0.72 17.45 -6.77
N ASP A 90 -1.96 17.46 -6.32
CA ASP A 90 -2.66 16.22 -6.02
C ASP A 90 -3.10 15.54 -7.32
N ARG A 91 -2.90 16.23 -8.44
CA ARG A 91 -3.17 15.68 -9.77
C ARG A 91 -2.02 14.81 -10.29
N LEU A 92 -0.86 14.86 -9.63
CA LEU A 92 0.32 14.13 -10.08
C LEU A 92 0.33 12.73 -9.47
N LEU A 93 0.73 11.74 -10.27
CA LEU A 93 0.87 10.35 -9.85
C LEU A 93 2.28 9.84 -10.22
N LEU A 94 2.95 9.21 -9.26
CA LEU A 94 4.19 8.49 -9.49
C LEU A 94 3.88 7.03 -9.79
N LEU A 95 4.59 6.46 -10.79
CA LEU A 95 4.47 5.07 -11.18
C LEU A 95 5.85 4.43 -11.20
N GLY A 96 6.01 3.32 -10.49
CA GLY A 96 7.28 2.64 -10.42
C GLY A 96 7.28 1.38 -11.29
N SER A 97 8.33 1.22 -12.09
CA SER A 97 8.34 0.16 -13.07
C SER A 97 9.09 -1.06 -12.55
N GLY A 98 9.05 -2.14 -13.34
CA GLY A 98 9.93 -3.27 -13.14
C GLY A 98 11.16 -3.20 -14.03
N VAL A 99 11.39 -2.04 -14.69
CA VAL A 99 12.55 -1.84 -15.54
C VAL A 99 13.37 -0.65 -15.00
N GLY A 100 13.34 -0.44 -13.69
CA GLY A 100 14.20 0.56 -13.07
C GLY A 100 13.86 1.99 -13.48
N THR A 101 12.56 2.33 -13.56
CA THR A 101 12.14 3.69 -13.91
C THR A 101 11.07 4.17 -12.94
N VAL A 102 11.04 5.49 -12.70
CA VAL A 102 9.92 6.17 -12.07
C VAL A 102 9.35 7.15 -13.08
N ARG A 103 8.05 7.01 -13.41
CA ARG A 103 7.39 7.96 -14.29
C ARG A 103 6.54 8.89 -13.44
N LEU A 104 6.47 10.16 -13.86
CA LEU A 104 5.57 11.14 -13.29
C LEU A 104 4.46 11.42 -14.30
N TYR A 105 3.21 11.10 -13.89
CA TYR A 105 2.05 11.23 -14.77
C TYR A 105 1.13 12.34 -14.26
N ASP A 106 0.73 13.23 -15.17
CA ASP A 106 -0.29 14.24 -14.88
C ASP A 106 -1.66 13.70 -15.30
N THR A 107 -2.52 13.47 -14.30
CA THR A 107 -3.83 12.86 -14.54
C THR A 107 -4.78 13.90 -15.15
N GLU A 108 -4.63 15.18 -14.79
CA GLU A 108 -5.48 16.23 -15.34
C GLU A 108 -5.20 16.35 -16.84
N ALA A 109 -3.92 16.35 -17.23
CA ALA A 109 -3.50 16.59 -18.61
C ALA A 109 -3.28 15.28 -19.37
N LYS A 110 -3.38 14.13 -18.69
CA LYS A 110 -3.31 12.82 -19.33
C LYS A 110 -2.03 12.69 -20.15
N LYS A 111 -0.86 12.92 -19.52
CA LYS A 111 0.42 12.71 -20.20
C LYS A 111 1.56 12.60 -19.19
N ASN A 112 2.64 11.90 -19.60
CA ASN A 112 3.83 11.71 -18.80
C ASN A 112 4.62 13.02 -18.77
N LEU A 113 5.08 13.42 -17.57
CA LEU A 113 5.87 14.65 -17.42
C LEU A 113 7.35 14.31 -17.60
N CYS A 114 7.76 13.16 -17.04
CA CYS A 114 9.11 12.65 -17.23
C CYS A 114 9.18 11.19 -16.79
N GLU A 115 10.31 10.54 -17.13
CA GLU A 115 10.59 9.18 -16.72
C GLU A 115 12.09 9.09 -16.40
N ILE A 116 12.43 8.67 -15.18
CA ILE A 116 13.81 8.65 -14.74
C ILE A 116 14.26 7.23 -14.49
N ASN A 117 15.45 6.89 -15.02
CA ASN A 117 16.15 5.66 -14.74
C ASN A 117 16.85 5.77 -13.39
N ILE A 118 16.75 4.70 -12.58
CA ILE A 118 17.78 4.37 -11.62
C ILE A 118 18.73 3.37 -12.30
N ASN A 119 19.68 2.80 -11.55
CA ASN A 119 20.58 1.79 -12.09
C ASN A 119 19.78 0.51 -12.35
N ASP A 120 20.26 -0.30 -13.31
CA ASP A 120 19.50 -1.45 -13.81
C ASP A 120 19.85 -2.71 -13.02
N ASN A 121 20.81 -2.60 -12.09
CA ASN A 121 21.13 -3.67 -11.16
C ASN A 121 19.90 -4.02 -10.31
N MET A 122 18.96 -3.07 -10.16
CA MET A 122 17.82 -3.24 -9.28
C MET A 122 16.58 -2.62 -9.89
N PRO A 123 15.98 -3.33 -10.87
CA PRO A 123 14.87 -2.79 -11.65
C PRO A 123 13.49 -2.71 -10.99
N ARG A 124 13.30 -3.35 -9.84
CA ARG A 124 11.96 -3.51 -9.30
C ARG A 124 11.66 -2.39 -8.31
N ILE A 125 10.83 -1.43 -8.75
CA ILE A 125 10.42 -0.33 -7.90
C ILE A 125 9.19 -0.76 -7.11
N LEU A 126 9.43 -1.38 -5.94
CA LEU A 126 8.38 -2.08 -5.21
C LEU A 126 7.51 -1.12 -4.40
N SER A 127 8.05 0.05 -3.98
CA SER A 127 7.33 0.96 -3.11
C SER A 127 7.67 2.40 -3.41
N LEU A 128 6.67 3.27 -3.33
CA LEU A 128 6.82 4.72 -3.45
C LEU A 128 6.07 5.38 -2.30
N ALA A 129 6.67 6.44 -1.74
CA ALA A 129 6.01 7.23 -0.71
C ALA A 129 6.38 8.69 -0.91
N CYS A 130 5.36 9.54 -0.96
CA CYS A 130 5.52 10.97 -1.05
C CYS A 130 5.50 11.59 0.35
N SER A 131 6.39 12.55 0.59
CA SER A 131 6.41 13.25 1.86
C SER A 131 5.20 14.16 1.92
N PRO A 132 4.57 14.29 3.12
CA PRO A 132 3.43 15.19 3.32
C PRO A 132 3.60 16.61 2.83
N ASN A 133 4.81 17.17 2.92
CA ASN A 133 5.02 18.58 2.61
C ASN A 133 5.19 18.79 1.12
N GLY A 134 5.38 17.70 0.37
CA GLY A 134 5.34 17.74 -1.08
C GLY A 134 6.73 17.88 -1.72
N ALA A 135 7.80 18.00 -0.91
CA ALA A 135 9.11 18.35 -1.43
C ALA A 135 9.93 17.12 -1.82
N SER A 136 9.53 15.94 -1.35
CA SER A 136 10.37 14.76 -1.55
C SER A 136 9.51 13.50 -1.71
N PHE A 137 10.16 12.42 -2.21
CA PHE A 137 9.56 11.08 -2.20
C PHE A 137 10.67 10.06 -2.02
N VAL A 138 10.30 8.83 -1.63
CA VAL A 138 11.25 7.74 -1.54
C VAL A 138 10.73 6.62 -2.43
N CYS A 139 11.66 5.83 -2.99
CA CYS A 139 11.25 4.58 -3.60
C CYS A 139 12.18 3.49 -3.13
N SER A 140 11.68 2.26 -3.14
CA SER A 140 12.56 1.11 -3.00
C SER A 140 12.79 0.51 -4.36
N ALA A 141 14.02 0.07 -4.60
CA ALA A 141 14.42 -0.56 -5.85
C ALA A 141 15.10 -1.87 -5.50
N ALA A 142 14.62 -2.97 -6.10
CA ALA A 142 15.09 -4.29 -5.71
C ALA A 142 15.63 -5.05 -6.91
N ALA A 143 16.58 -5.95 -6.63
CA ALA A 143 17.07 -6.90 -7.61
C ALA A 143 15.91 -7.78 -8.07
N PRO A 144 16.10 -8.49 -9.20
CA PRO A 144 15.13 -9.48 -9.66
C PRO A 144 14.84 -10.54 -8.60
N SER A 145 13.59 -11.01 -8.57
CA SER A 145 13.24 -12.17 -7.78
C SER A 145 14.02 -13.39 -8.30
N LEU A 146 14.36 -14.32 -7.41
CA LEU A 146 15.05 -15.55 -7.79
C LEU A 146 14.06 -16.51 -8.50
N MET A 162 12.12 -16.69 -3.92
CA MET A 162 12.53 -15.91 -2.73
C MET A 162 12.69 -14.44 -3.12
N ASN A 163 12.06 -13.55 -2.35
CA ASN A 163 12.27 -12.12 -2.50
C ASN A 163 13.42 -11.67 -1.58
N GLN A 164 14.24 -12.60 -1.08
CA GLN A 164 15.31 -12.27 -0.15
C GLN A 164 16.54 -11.80 -0.92
N VAL A 165 16.33 -10.80 -1.78
CA VAL A 165 17.36 -10.35 -2.71
C VAL A 165 17.79 -8.95 -2.29
N PRO A 166 18.96 -8.47 -2.76
CA PRO A 166 19.38 -7.10 -2.49
C PRO A 166 18.32 -6.08 -2.90
N GLY A 167 18.29 -4.96 -2.18
CA GLY A 167 17.49 -3.82 -2.59
C GLY A 167 18.05 -2.55 -1.99
N ARG A 168 17.56 -1.42 -2.49
CA ARG A 168 18.01 -0.12 -2.04
C ARG A 168 16.81 0.73 -1.69
N LEU A 169 17.07 1.84 -0.98
CA LEU A 169 16.05 2.82 -0.65
C LEU A 169 16.52 4.23 -1.01
N LEU A 170 15.79 4.90 -1.93
CA LEU A 170 16.26 6.13 -2.53
C LEU A 170 15.41 7.30 -2.05
N LEU A 171 16.05 8.46 -1.83
CA LEU A 171 15.37 9.71 -1.51
C LEU A 171 15.51 10.64 -2.70
N TRP A 172 14.39 11.24 -3.11
CA TRP A 172 14.33 12.11 -4.27
C TRP A 172 13.79 13.48 -3.88
N ASP A 173 14.12 14.44 -4.75
CA ASP A 173 13.53 15.77 -4.77
C ASP A 173 12.41 15.82 -5.83
N THR A 174 11.17 16.11 -5.42
CA THR A 174 10.03 16.05 -6.33
C THR A 174 10.16 17.11 -7.41
N LYS A 175 10.55 18.32 -7.02
CA LYS A 175 10.56 19.44 -7.95
C LYS A 175 11.50 19.17 -9.13
N THR A 176 12.70 18.64 -8.85
CA THR A 176 13.70 18.41 -9.90
C THR A 176 13.56 16.98 -10.41
N MET A 177 12.84 16.13 -9.68
CA MET A 177 12.76 14.71 -9.98
C MET A 177 14.17 14.13 -10.06
N LYS A 178 15.06 14.56 -9.15
CA LYS A 178 16.42 14.05 -9.09
C LYS A 178 16.61 13.31 -7.78
N GLN A 179 17.42 12.26 -7.83
CA GLN A 179 17.80 11.47 -6.67
C GLN A 179 18.76 12.30 -5.81
N GLN A 180 18.58 12.27 -4.49
CA GLN A 180 19.43 13.02 -3.58
C GLN A 180 20.47 12.09 -2.96
N LEU A 181 20.07 10.86 -2.67
CA LEU A 181 20.69 10.17 -1.56
C LEU A 181 20.09 8.78 -1.49
N GLN A 182 20.85 7.86 -0.94
CA GLN A 182 20.37 6.52 -0.73
C GLN A 182 20.75 6.07 0.68
N PHE A 183 19.80 5.47 1.39
CA PHE A 183 20.00 5.00 2.75
C PHE A 183 20.63 3.61 2.75
N SER A 184 21.75 3.47 3.46
CA SER A 184 22.31 2.19 3.78
C SER A 184 21.31 1.36 4.59
N LEU A 185 21.29 0.05 4.32
CA LEU A 185 20.43 -0.92 4.98
C LEU A 185 21.30 -1.96 5.69
N ASP A 186 21.16 -2.05 7.02
N ASP A 186 21.19 -2.02 7.02
CA ASP A 186 21.92 -3.00 7.81
CA ASP A 186 21.89 -3.00 7.84
C ASP A 186 21.00 -4.19 8.13
C ASP A 186 20.96 -4.21 8.04
N PRO A 187 21.50 -5.45 8.14
CA PRO A 187 22.93 -5.74 7.95
C PRO A 187 23.40 -5.77 6.50
N GLU A 188 22.45 -5.73 5.57
CA GLU A 188 22.74 -5.96 4.15
C GLU A 188 21.64 -5.36 3.30
N PRO A 189 21.95 -4.95 2.04
CA PRO A 189 20.92 -4.56 1.09
C PRO A 189 19.82 -5.60 1.03
N ILE A 190 18.57 -5.13 1.02
CA ILE A 190 17.43 -6.01 1.06
C ILE A 190 16.28 -5.31 0.36
N ALA A 191 15.44 -6.09 -0.30
CA ALA A 191 14.23 -5.60 -0.93
C ALA A 191 13.29 -5.03 0.12
N ILE A 192 12.85 -3.78 -0.10
CA ILE A 192 11.86 -3.18 0.78
C ILE A 192 10.51 -3.17 0.09
N ASN A 193 9.51 -3.73 0.77
CA ASN A 193 8.19 -3.97 0.21
C ASN A 193 7.24 -2.81 0.43
N CYS A 194 7.44 -2.04 1.51
CA CYS A 194 6.41 -1.13 1.96
C CYS A 194 7.03 0.05 2.72
N THR A 195 6.46 1.23 2.50
CA THR A 195 6.94 2.48 3.08
C THR A 195 5.74 3.30 3.55
N ALA A 196 5.92 4.06 4.65
CA ALA A 196 4.95 5.05 5.07
C ALA A 196 5.65 6.19 5.80
N PHE A 197 5.22 7.43 5.53
CA PHE A 197 5.68 8.58 6.31
C PHE A 197 4.74 8.82 7.49
N ASN A 198 5.25 9.50 8.52
CA ASN A 198 4.38 10.01 9.57
C ASN A 198 3.74 11.33 9.09
N HIS A 199 2.98 11.97 9.98
CA HIS A 199 2.11 13.08 9.60
C HIS A 199 2.96 14.27 9.16
N ASN A 200 4.03 14.57 9.91
CA ASN A 200 4.94 15.66 9.60
C ASN A 200 5.97 15.28 8.52
N GLY A 201 6.23 13.99 8.31
CA GLY A 201 7.22 13.57 7.31
C GLY A 201 8.64 13.47 7.87
N ASN A 202 8.84 13.70 9.17
CA ASN A 202 10.17 13.57 9.74
C ASN A 202 10.53 12.10 10.03
N LEU A 203 9.55 11.18 9.99
CA LEU A 203 9.82 9.75 10.14
C LEU A 203 9.29 8.96 8.95
N LEU A 204 10.03 7.91 8.57
CA LEU A 204 9.62 7.00 7.53
C LEU A 204 9.76 5.57 8.06
N VAL A 205 8.69 4.79 8.01
CA VAL A 205 8.76 3.41 8.47
C VAL A 205 8.71 2.50 7.24
N THR A 206 9.50 1.41 7.27
CA THR A 206 9.67 0.53 6.12
C THR A 206 9.59 -0.92 6.58
N GLY A 207 9.11 -1.78 5.69
CA GLY A 207 9.11 -3.21 5.93
C GLY A 207 9.74 -3.93 4.75
N ALA A 208 10.52 -4.96 5.03
CA ALA A 208 11.42 -5.54 4.05
C ALA A 208 11.21 -7.05 3.95
N ALA A 209 11.84 -7.65 2.94
CA ALA A 209 11.67 -9.06 2.66
C ALA A 209 12.38 -9.93 3.70
N ASP A 210 13.30 -9.36 4.47
CA ASP A 210 14.01 -10.13 5.50
C ASP A 210 13.23 -10.11 6.81
N GLY A 211 12.01 -9.56 6.78
CA GLY A 211 11.13 -9.54 7.94
C GLY A 211 11.42 -8.39 8.90
N VAL A 212 12.31 -7.48 8.52
CA VAL A 212 12.76 -6.42 9.44
C VAL A 212 12.05 -5.11 9.10
N ILE A 213 11.64 -4.39 10.15
CA ILE A 213 11.16 -3.04 10.02
C ILE A 213 12.30 -2.08 10.34
N ARG A 214 12.46 -1.06 9.49
CA ARG A 214 13.46 -0.04 9.71
C ARG A 214 12.77 1.32 9.67
N LEU A 215 12.97 2.10 10.74
CA LEU A 215 12.38 3.41 10.89
C LEU A 215 13.47 4.44 10.69
N PHE A 216 13.23 5.36 9.76
CA PHE A 216 14.27 6.30 9.35
C PHE A 216 13.91 7.71 9.81
N ASP A 217 14.90 8.38 10.38
CA ASP A 217 14.83 9.79 10.68
C ASP A 217 15.16 10.56 9.41
N MET A 218 14.18 11.29 8.88
CA MET A 218 14.28 11.87 7.56
C MET A 218 14.92 13.25 7.62
N GLN A 219 15.31 13.71 8.82
CA GLN A 219 16.06 14.96 8.97
C GLN A 219 17.56 14.66 9.04
N GLN A 220 17.94 13.65 9.82
CA GLN A 220 19.31 13.20 9.93
C GLN A 220 19.66 12.22 8.83
N HIS A 221 18.64 11.71 8.13
CA HIS A 221 18.81 10.69 7.11
C HIS A 221 19.61 9.53 7.69
N GLU A 222 19.11 8.93 8.77
CA GLU A 222 19.70 7.72 9.33
C GLU A 222 18.60 6.79 9.86
N CYS A 223 18.96 5.53 10.04
CA CYS A 223 18.09 4.56 10.69
C CYS A 223 18.02 4.83 12.20
N ALA A 224 16.85 5.24 12.67
CA ALA A 224 16.68 5.55 14.09
C ALA A 224 16.49 4.27 14.87
N MET A 225 15.90 3.25 14.23
CA MET A 225 15.36 2.09 14.91
C MET A 225 15.14 0.97 13.89
N SER A 226 15.42 -0.27 14.28
CA SER A 226 15.03 -1.42 13.47
C SER A 226 14.89 -2.63 14.37
N TRP A 227 14.06 -3.58 13.92
CA TRP A 227 13.81 -4.79 14.69
C TRP A 227 13.19 -5.82 13.77
N ARG A 228 13.39 -7.11 14.11
CA ARG A 228 12.75 -8.22 13.44
C ARG A 228 11.27 -8.22 13.77
N ALA A 229 10.43 -8.04 12.76
CA ALA A 229 9.00 -7.86 12.94
C ALA A 229 8.21 -9.14 12.65
N HIS A 230 8.61 -9.88 11.60
CA HIS A 230 7.87 -11.05 11.15
C HIS A 230 8.82 -12.17 10.71
N TYR A 231 8.34 -13.41 10.83
N TYR A 231 8.34 -13.41 10.84
CA TYR A 231 8.93 -14.57 10.16
CA TYR A 231 8.93 -14.55 10.18
C TYR A 231 8.47 -14.54 8.71
C TYR A 231 8.47 -14.54 8.72
N GLY A 232 9.39 -14.20 7.81
CA GLY A 232 9.05 -13.96 6.42
C GLY A 232 8.98 -12.46 6.15
N GLU A 233 8.37 -12.11 5.02
CA GLU A 233 8.36 -10.73 4.55
C GLU A 233 7.38 -9.89 5.35
N VAL A 234 7.66 -8.59 5.38
CA VAL A 234 6.72 -7.59 5.83
C VAL A 234 6.04 -7.05 4.58
N TYR A 235 4.70 -6.95 4.64
CA TYR A 235 3.90 -6.55 3.49
C TYR A 235 3.37 -5.12 3.59
N SER A 236 2.93 -4.69 4.79
CA SER A 236 2.44 -3.34 4.95
C SER A 236 2.85 -2.79 6.31
N VAL A 237 3.05 -1.46 6.37
CA VAL A 237 3.39 -0.76 7.60
C VAL A 237 2.64 0.58 7.64
N GLU A 238 2.40 1.09 8.84
CA GLU A 238 1.71 2.36 9.01
C GLU A 238 1.95 2.87 10.42
N PHE A 239 2.00 4.20 10.58
CA PHE A 239 1.95 4.84 11.89
C PHE A 239 0.52 4.85 12.39
N SER A 240 0.36 4.58 13.69
CA SER A 240 -0.89 4.89 14.38
C SER A 240 -1.13 6.40 14.31
N TYR A 241 -2.39 6.79 14.49
CA TYR A 241 -2.82 8.17 14.45
C TYR A 241 -2.00 9.01 15.44
N ASP A 242 -1.77 8.46 16.64
CA ASP A 242 -1.07 9.19 17.69
C ASP A 242 0.43 9.04 17.54
N GLU A 243 0.88 8.10 16.71
CA GLU A 243 2.29 7.94 16.35
C GLU A 243 3.13 7.46 17.53
N ASN A 244 2.49 6.77 18.48
CA ASN A 244 3.21 6.09 19.53
C ASN A 244 3.52 4.66 19.11
N THR A 245 2.85 4.18 18.06
CA THR A 245 3.02 2.82 17.61
C THR A 245 3.08 2.79 16.09
N VAL A 246 3.63 1.69 15.57
CA VAL A 246 3.48 1.36 14.18
C VAL A 246 2.83 -0.02 14.06
N TYR A 247 2.07 -0.16 12.99
CA TYR A 247 1.36 -1.38 12.68
C TYR A 247 2.07 -2.05 11.53
N SER A 248 2.14 -3.39 11.59
CA SER A 248 2.68 -4.16 10.48
C SER A 248 1.82 -5.39 10.26
N ILE A 249 1.91 -5.94 9.03
CA ILE A 249 1.33 -7.20 8.67
C ILE A 249 2.29 -7.91 7.72
N GLY A 250 2.46 -9.22 7.90
CA GLY A 250 3.52 -9.94 7.22
C GLY A 250 3.16 -11.39 6.91
N GLU A 251 4.13 -12.10 6.32
CA GLU A 251 3.90 -13.36 5.65
C GLU A 251 3.51 -14.46 6.65
N ASP A 252 3.83 -14.26 7.93
CA ASP A 252 3.47 -15.19 8.99
C ASP A 252 2.00 -15.03 9.38
N GLY A 253 1.26 -14.15 8.69
CA GLY A 253 -0.17 -14.02 8.91
C GLY A 253 -0.52 -13.07 10.07
N LYS A 254 0.50 -12.44 10.68
CA LYS A 254 0.33 -11.67 11.91
C LYS A 254 0.13 -10.18 11.64
N PHE A 255 -0.75 -9.61 12.44
CA PHE A 255 -0.91 -8.16 12.56
C PHE A 255 -0.37 -7.78 13.92
N ILE A 256 0.62 -6.88 13.92
CA ILE A 256 1.34 -6.56 15.14
C ILE A 256 1.43 -5.05 15.30
N GLN A 257 1.36 -4.63 16.55
CA GLN A 257 1.51 -3.23 16.89
C GLN A 257 2.73 -3.07 17.79
N TRP A 258 3.61 -2.15 17.40
CA TRP A 258 4.94 -2.02 17.97
C TRP A 258 5.06 -0.68 18.68
N ASN A 259 5.78 -0.70 19.80
CA ASN A 259 6.06 0.50 20.55
C ASN A 259 7.21 1.26 19.88
N ILE A 260 6.91 2.41 19.30
CA ILE A 260 7.89 3.18 18.53
C ILE A 260 8.95 3.80 19.45
N HIS A 261 8.72 3.79 20.78
CA HIS A 261 9.68 4.33 21.74
C HIS A 261 10.67 3.25 22.22
N LYS A 262 10.40 1.96 21.95
CA LYS A 262 11.26 0.88 22.42
C LYS A 262 11.30 -0.25 21.38
N SER A 263 12.50 -0.48 20.83
CA SER A 263 12.70 -1.22 19.59
C SER A 263 12.28 -2.68 19.74
N GLY A 264 11.21 -3.09 19.05
CA GLY A 264 10.80 -4.49 18.98
C GLY A 264 9.95 -4.92 20.19
N LEU A 265 9.57 -3.94 21.01
CA LEU A 265 8.61 -4.18 22.08
C LEU A 265 7.21 -4.17 21.49
N LYS A 266 6.57 -5.33 21.51
CA LYS A 266 5.22 -5.47 21.00
C LYS A 266 4.25 -4.78 21.96
N VAL A 267 3.20 -4.21 21.38
CA VAL A 267 2.09 -3.71 22.16
C VAL A 267 0.94 -4.72 22.09
N SER A 268 0.66 -5.20 20.88
CA SER A 268 -0.32 -6.26 20.73
C SER A 268 -0.04 -7.04 19.45
N GLU A 269 -0.60 -8.25 19.35
CA GLU A 269 -0.26 -9.18 18.29
C GLU A 269 -1.45 -10.11 18.04
N TYR A 270 -1.85 -10.24 16.78
CA TYR A 270 -2.96 -11.10 16.40
C TYR A 270 -2.58 -11.91 15.16
N SER A 271 -3.00 -13.15 15.16
CA SER A 271 -3.09 -13.97 13.96
C SER A 271 -4.37 -13.61 13.20
N LEU A 272 -4.23 -12.89 12.10
CA LEU A 272 -5.35 -12.69 11.20
C LEU A 272 -5.70 -14.00 10.49
N PRO A 273 -6.93 -14.12 9.96
CA PRO A 273 -7.28 -15.26 9.10
C PRO A 273 -6.37 -15.27 7.87
N SER A 274 -6.02 -16.46 7.41
CA SER A 274 -4.96 -16.61 6.43
C SER A 274 -5.29 -15.84 5.14
N ASP A 275 -6.59 -15.63 4.87
CA ASP A 275 -7.05 -14.95 3.67
C ASP A 275 -6.90 -13.43 3.78
N ALA A 276 -6.34 -12.95 4.91
CA ALA A 276 -5.90 -11.58 5.06
C ALA A 276 -4.55 -11.33 4.37
N THR A 277 -3.70 -12.38 4.26
CA THR A 277 -2.33 -12.21 3.81
C THR A 277 -1.99 -13.16 2.65
N GLY A 278 -2.93 -14.01 2.26
CA GLY A 278 -2.72 -14.89 1.13
C GLY A 278 -1.69 -15.95 1.46
N PRO A 279 -0.97 -16.50 0.47
CA PRO A 279 -1.12 -16.12 -0.95
C PRO A 279 -2.54 -16.31 -1.48
N PHE A 280 -2.96 -15.38 -2.34
CA PHE A 280 -4.32 -15.31 -2.85
C PHE A 280 -4.43 -16.16 -4.13
N VAL A 281 -5.39 -17.09 -4.12
CA VAL A 281 -5.53 -18.10 -5.15
C VAL A 281 -6.91 -18.01 -5.79
N LEU A 282 -6.96 -18.04 -7.12
CA LEU A 282 -8.21 -18.19 -7.84
C LEU A 282 -8.10 -19.41 -8.75
N SER A 283 -8.81 -20.49 -8.39
CA SER A 283 -8.80 -21.75 -9.13
C SER A 283 -9.98 -21.80 -10.10
N GLY A 284 -9.98 -22.81 -10.98
CA GLY A 284 -11.09 -23.02 -11.90
C GLY A 284 -11.09 -24.42 -12.50
N TYR A 285 -10.96 -25.45 -11.66
CA TYR A 285 -11.37 -26.82 -11.99
C TYR A 285 -10.43 -27.46 -13.02
N SER A 286 -9.63 -26.64 -13.70
CA SER A 286 -8.96 -27.05 -14.93
C SER A 286 -7.61 -27.69 -14.62
N GLY A 287 -7.21 -27.64 -13.34
CA GLY A 287 -5.81 -27.75 -12.96
C GLY A 287 -5.12 -26.38 -13.06
N TYR A 288 -5.90 -25.34 -13.36
CA TYR A 288 -5.35 -24.02 -13.62
C TYR A 288 -5.67 -23.12 -12.42
N LYS A 289 -4.70 -22.32 -11.98
CA LYS A 289 -4.96 -21.35 -10.93
C LYS A 289 -4.10 -20.10 -11.13
N GLN A 290 -4.60 -18.98 -10.63
CA GLN A 290 -3.85 -17.75 -10.56
C GLN A 290 -3.49 -17.50 -9.11
N VAL A 291 -2.23 -17.11 -8.87
CA VAL A 291 -1.70 -16.91 -7.53
C VAL A 291 -1.09 -15.53 -7.43
N GLN A 292 -1.49 -14.76 -6.41
CA GLN A 292 -0.98 -13.42 -6.17
C GLN A 292 -0.42 -13.36 -4.75
N VAL A 293 0.85 -12.98 -4.63
CA VAL A 293 1.44 -12.69 -3.34
C VAL A 293 1.22 -11.21 -3.05
N PRO A 294 1.08 -10.81 -1.77
CA PRO A 294 0.80 -9.41 -1.46
C PRO A 294 1.82 -8.46 -2.10
N ARG A 295 1.30 -7.35 -2.63
CA ARG A 295 2.07 -6.37 -3.35
C ARG A 295 1.53 -4.99 -2.97
N GLY A 296 0.20 -4.81 -3.00
CA GLY A 296 -0.43 -3.59 -2.56
C GLY A 296 -0.68 -3.56 -1.06
N ARG A 297 -1.27 -2.47 -0.58
CA ARG A 297 -1.66 -2.34 0.82
C ARG A 297 -2.62 -3.45 1.25
N LEU A 298 -2.30 -4.09 2.39
CA LEU A 298 -3.13 -5.15 2.94
C LEU A 298 -4.05 -4.58 4.02
N PHE A 299 -3.79 -3.36 4.48
CA PHE A 299 -4.64 -2.76 5.50
C PHE A 299 -4.79 -1.26 5.20
N ALA A 300 -5.86 -0.67 5.74
CA ALA A 300 -6.06 0.77 5.66
C ALA A 300 -6.90 1.20 6.86
N PHE A 301 -7.08 2.50 7.08
CA PHE A 301 -7.65 2.95 8.36
C PHE A 301 -8.59 4.15 8.16
N ASP A 302 -9.47 4.37 9.13
CA ASP A 302 -10.33 5.55 9.11
C ASP A 302 -9.53 6.78 9.55
N SER A 303 -10.17 7.96 9.46
CA SER A 303 -9.47 9.23 9.55
C SER A 303 -8.65 9.30 10.85
N GLU A 304 -9.18 8.70 11.92
CA GLU A 304 -8.65 8.87 13.26
C GLU A 304 -7.92 7.61 13.73
N GLY A 305 -7.88 6.57 12.88
CA GLY A 305 -7.13 5.37 13.20
C GLY A 305 -7.80 4.52 14.29
N ASN A 306 -9.12 4.56 14.38
CA ASN A 306 -9.81 3.72 15.34
C ASN A 306 -10.19 2.38 14.72
N TYR A 307 -10.28 2.33 13.38
CA TYR A 307 -10.71 1.13 12.69
C TYR A 307 -9.75 0.79 11.56
N MET A 308 -9.75 -0.51 11.20
CA MET A 308 -8.80 -1.06 10.24
C MET A 308 -9.54 -2.00 9.30
N LEU A 309 -9.41 -1.71 8.00
CA LEU A 309 -9.91 -2.55 6.92
C LEU A 309 -8.83 -3.55 6.48
N THR A 310 -9.24 -4.81 6.27
CA THR A 310 -8.36 -5.86 5.80
C THR A 310 -9.02 -6.63 4.66
N CYS A 311 -8.23 -7.52 4.04
CA CYS A 311 -8.66 -8.37 2.95
C CYS A 311 -9.35 -9.62 3.49
N SER A 312 -10.23 -10.20 2.67
CA SER A 312 -10.74 -11.55 2.87
C SER A 312 -11.23 -12.11 1.54
N ALA A 313 -11.51 -13.42 1.55
CA ALA A 313 -11.90 -14.14 0.34
C ALA A 313 -13.13 -13.48 -0.28
N THR A 314 -13.92 -12.80 0.55
CA THR A 314 -15.29 -12.49 0.17
C THR A 314 -15.59 -11.00 0.31
N GLY A 315 -14.58 -10.22 0.75
CA GLY A 315 -14.70 -8.77 0.81
C GLY A 315 -13.87 -8.17 1.96
N GLY A 316 -14.00 -6.86 2.15
CA GLY A 316 -13.28 -6.16 3.20
C GLY A 316 -13.79 -6.55 4.59
N VAL A 317 -12.88 -6.67 5.56
CA VAL A 317 -13.27 -7.01 6.92
C VAL A 317 -12.64 -5.97 7.84
N ILE A 318 -13.48 -5.33 8.68
CA ILE A 318 -13.04 -4.20 9.49
C ILE A 318 -12.97 -4.61 10.96
N TYR A 319 -11.88 -4.19 11.63
CA TYR A 319 -11.72 -4.42 13.04
C TYR A 319 -11.58 -3.08 13.77
N LYS A 320 -12.10 -3.04 14.99
CA LYS A 320 -11.85 -1.95 15.92
C LYS A 320 -10.46 -2.12 16.52
N LEU A 321 -9.64 -1.06 16.41
CA LEU A 321 -8.35 -0.99 17.06
C LEU A 321 -8.52 -0.45 18.47
N GLY A 322 -7.50 -0.70 19.31
CA GLY A 322 -7.44 -0.16 20.66
C GLY A 322 -8.30 -0.99 21.59
N GLY A 323 -7.64 -1.64 22.55
CA GLY A 323 -8.25 -2.73 23.29
C GLY A 323 -7.37 -3.96 23.20
N ASP A 324 -7.55 -4.88 24.16
CA ASP A 324 -6.71 -6.05 24.26
C ASP A 324 -7.62 -7.25 24.52
N GLU A 325 -8.68 -7.37 23.70
CA GLU A 325 -9.39 -8.63 23.58
C GLU A 325 -8.40 -9.66 23.04
N LYS A 326 -8.42 -10.86 23.60
CA LYS A 326 -7.47 -11.90 23.24
C LYS A 326 -7.60 -12.20 21.74
N VAL A 327 -8.84 -12.40 21.30
CA VAL A 327 -9.17 -12.51 19.89
C VAL A 327 -9.89 -11.23 19.45
N LEU A 328 -9.19 -10.37 18.69
CA LEU A 328 -9.82 -9.22 18.03
C LEU A 328 -10.87 -9.76 17.07
N GLU A 329 -12.07 -9.17 17.14
CA GLU A 329 -13.23 -9.70 16.44
C GLU A 329 -13.67 -8.70 15.37
N SER A 330 -14.10 -9.23 14.22
CA SER A 330 -14.69 -8.43 13.15
C SER A 330 -15.85 -7.63 13.73
N CYS A 331 -15.90 -6.33 13.43
CA CYS A 331 -17.09 -5.53 13.73
C CYS A 331 -17.91 -5.21 12.48
N LEU A 332 -17.31 -5.23 11.29
CA LEU A 332 -18.09 -5.03 10.07
C LEU A 332 -17.46 -5.78 8.90
N SER A 333 -18.29 -6.52 8.16
CA SER A 333 -17.91 -7.20 6.93
C SER A 333 -18.58 -6.52 5.74
N LEU A 334 -17.78 -6.00 4.79
CA LEU A 334 -18.32 -5.21 3.68
C LEU A 334 -18.88 -6.11 2.56
N GLY A 335 -18.41 -7.36 2.46
CA GLY A 335 -18.93 -8.33 1.50
C GLY A 335 -18.80 -7.86 0.04
N GLY A 336 -19.36 -8.65 -0.88
CA GLY A 336 -19.65 -8.21 -2.24
C GLY A 336 -18.65 -8.77 -3.28
N HIS A 337 -17.70 -9.60 -2.86
CA HIS A 337 -16.69 -10.12 -3.78
C HIS A 337 -16.89 -11.62 -4.02
N ARG A 338 -16.79 -12.03 -5.30
CA ARG A 338 -16.90 -13.42 -5.70
C ARG A 338 -15.52 -13.93 -6.12
N ALA A 339 -14.47 -13.20 -5.74
CA ALA A 339 -13.09 -13.62 -5.92
C ALA A 339 -12.24 -12.97 -4.83
N PRO A 340 -11.06 -13.52 -4.45
CA PRO A 340 -10.28 -12.99 -3.34
C PRO A 340 -9.93 -11.51 -3.47
N VAL A 341 -10.08 -10.80 -2.34
CA VAL A 341 -9.63 -9.43 -2.22
C VAL A 341 -8.16 -9.44 -1.91
N VAL A 342 -7.39 -8.60 -2.62
CA VAL A 342 -5.93 -8.66 -2.58
C VAL A 342 -5.33 -7.35 -2.08
N THR A 343 -6.07 -6.24 -2.15
CA THR A 343 -5.60 -4.96 -1.61
C THR A 343 -6.83 -4.10 -1.33
N VAL A 344 -6.65 -3.09 -0.46
CA VAL A 344 -7.74 -2.27 0.03
C VAL A 344 -7.25 -0.82 0.19
N ASP A 345 -8.20 0.13 0.28
CA ASP A 345 -7.89 1.47 0.74
C ASP A 345 -9.09 2.04 1.49
N TRP A 346 -8.83 3.14 2.22
CA TRP A 346 -9.83 3.87 2.98
C TRP A 346 -9.42 5.33 3.04
N SER A 347 -10.32 6.23 2.60
CA SER A 347 -10.07 7.65 2.73
C SER A 347 -11.31 8.37 3.23
N THR A 348 -11.10 9.53 3.85
CA THR A 348 -12.20 10.34 4.36
C THR A 348 -12.14 11.69 3.66
N ALA A 349 -13.32 12.18 3.24
CA ALA A 349 -13.47 13.42 2.50
C ALA A 349 -14.94 13.85 2.55
N MET A 350 -15.17 15.14 2.80
CA MET A 350 -16.50 15.66 3.05
C MET A 350 -17.13 14.85 4.20
N ASP A 351 -16.28 14.45 5.15
CA ASP A 351 -16.71 13.76 6.36
C ASP A 351 -17.39 12.45 5.99
N CYS A 352 -16.93 11.85 4.90
CA CYS A 352 -17.44 10.56 4.49
C CYS A 352 -16.31 9.60 4.24
N GLY A 353 -16.49 8.36 4.70
CA GLY A 353 -15.53 7.31 4.45
C GLY A 353 -15.79 6.64 3.10
N THR A 354 -14.72 6.36 2.36
CA THR A 354 -14.82 5.54 1.16
C THR A 354 -13.83 4.38 1.25
N CYS A 355 -14.34 3.15 1.31
CA CYS A 355 -13.48 1.97 1.29
C CYS A 355 -13.39 1.36 -0.12
N LEU A 356 -12.16 1.06 -0.54
CA LEU A 356 -11.93 0.29 -1.74
C LEU A 356 -11.57 -1.15 -1.36
N THR A 357 -12.25 -2.11 -2.02
CA THR A 357 -11.80 -3.50 -2.01
C THR A 357 -11.64 -4.00 -3.44
N ALA A 358 -10.47 -4.60 -3.70
CA ALA A 358 -10.09 -5.03 -5.05
C ALA A 358 -9.73 -6.53 -5.04
N SER A 359 -10.29 -7.27 -6.01
CA SER A 359 -10.20 -8.72 -6.06
C SER A 359 -9.55 -9.20 -7.37
N MET A 360 -9.38 -10.53 -7.46
CA MET A 360 -8.53 -11.17 -8.45
C MET A 360 -9.21 -11.29 -9.81
N ASP A 361 -10.49 -10.92 -9.85
CA ASP A 361 -11.29 -10.91 -11.07
C ASP A 361 -11.31 -9.50 -11.67
N GLY A 362 -10.55 -8.57 -11.10
CA GLY A 362 -10.48 -7.22 -11.65
C GLY A 362 -11.43 -6.24 -10.97
N LYS A 363 -12.41 -6.74 -10.20
CA LYS A 363 -13.47 -5.89 -9.69
C LYS A 363 -12.99 -5.08 -8.48
N ILE A 364 -13.38 -3.80 -8.44
CA ILE A 364 -13.13 -2.95 -7.28
C ILE A 364 -14.46 -2.50 -6.70
N LYS A 365 -14.72 -2.87 -5.43
CA LYS A 365 -15.90 -2.40 -4.74
C LYS A 365 -15.55 -1.13 -3.99
N LEU A 366 -16.44 -0.15 -4.12
CA LEU A 366 -16.35 1.12 -3.44
C LEU A 366 -17.52 1.21 -2.46
N THR A 367 -17.22 1.11 -1.15
CA THR A 367 -18.23 1.10 -0.11
C THR A 367 -18.18 2.44 0.64
N THR A 368 -19.34 3.09 0.76
CA THR A 368 -19.43 4.42 1.37
C THR A 368 -19.90 4.26 2.81
N LEU A 369 -19.08 4.78 3.75
CA LEU A 369 -19.29 4.59 5.17
C LEU A 369 -19.45 5.95 5.86
N LEU A 370 -20.51 6.07 6.65
CA LEU A 370 -20.72 7.25 7.48
C LEU A 370 -20.56 6.85 8.95
N ALA A 371 -19.70 7.59 9.67
CA ALA A 371 -19.50 7.40 11.10
C ALA A 371 -20.74 7.82 11.88
N HIS A 372 -21.35 6.87 12.62
CA HIS A 372 -22.60 7.10 13.34
C HIS A 372 -22.36 7.06 14.86
C5 A1BIV B . 6.41 18.80 -11.32
C6 A1BIV B . 6.77 19.60 -10.09
C7 A1BIV B . 6.71 19.07 -8.82
C8 A1BIV B . 6.36 17.73 -8.33
C10 A1BIV B . 5.20 16.32 -6.78
C13 A1BIV B . 6.62 15.33 -8.43
C17 A1BIV B . 7.10 20.98 -9.95
C21 A1BIV B . 7.81 23.49 -8.95
C24 A1BIV B . 7.56 22.65 -6.62
C26 A1BIV B . 8.75 17.87 -12.11
C28 A1BIV B . 9.23 18.16 -14.46
C1 A1BIV B . 5.23 20.24 -14.59
N2 A1BIV B . 5.90 19.56 -13.48
C3 A1BIV B . 5.40 19.54 -12.21
O4 A1BIV B . 4.38 20.08 -11.84
C9 A1BIV B . 5.50 17.57 -7.27
C11 A1BIV B . 5.77 15.21 -7.36
CL12 A1BIV B . 5.42 13.63 -6.72
C14 A1BIV B . 6.92 16.59 -8.92
N15 A1BIV B . 6.99 20.06 -7.91
C16 A1BIV B . 7.22 21.21 -8.59
C18 A1BIV B . 7.36 22.03 -10.89
O19 A1BIV B . 7.31 21.94 -12.12
N20 A1BIV B . 7.68 23.24 -10.29
O22 A1BIV B . 8.16 24.59 -8.53
N23 A1BIV B . 7.54 22.43 -8.07
C25 A1BIV B . 7.51 18.47 -12.30
C27 A1BIV B . 9.60 17.71 -13.20
C29 A1BIV B . 7.99 18.76 -14.66
C30 A1BIV B . 7.14 18.91 -13.56
UNK UNX C . -3.91 6.19 11.08
#